data_8D22
#
_entry.id   8D22
#
_cell.length_a   84.277
_cell.length_b   84.277
_cell.length_c   292.195
_cell.angle_alpha   90.00
_cell.angle_beta   90.00
_cell.angle_gamma   120.00
#
_symmetry.space_group_name_H-M   'P 65 2 2'
#
loop_
_entity.id
_entity.type
_entity.pdbx_description
1 polymer 'Chaperone DnaK'
2 non-polymer Piclidenoson
3 non-polymer 'SULFATE ION'
4 water water
#
_entity_poly.entity_id   1
_entity_poly.type   'polypeptide(L)'
_entity_poly.pdbx_seq_one_letter_code
;MHHHHHHSSGRENLYFQGIEGPVIGIDLGTTYSCVGVFKNGRVEILNNELGNRITPSYVSFVDGERKVGEAAKLEATLHP
TQTVFDVKRLIGRKFDDQEVVKDRSLLPYEIVNNQGKPNIKVQIKDKDTTFAPEQISAMVLEKMKEIAQSFLGKPVKNAV
VTVPAYFNDAQRQATKDAGTIAGLNIVRIINEPTAAALAYGLDKKEETSILVYDLGGGTFDVSILVIDNGVFEVYATAGN
THLGGEDFDQRVMDYFIKMFKKKNNIDLRTDKRAIQKLRKEVEIAKRNLSVVHSTQIEIEDIVEGHNFSETLTRAKFEEL
NDDLFRETLEPVKKVLDDAKYEKSKIDEIVLVGGSTRIPKIQQIIKEFFNGKEPNRGINPDEAVAYGAAIQAGIILG
;
_entity_poly.pdbx_strand_id   A
#
# COMPACT_ATOMS: atom_id res chain seq x y z
N GLY A 21 -13.43 -17.27 -20.23
CA GLY A 21 -12.54 -16.09 -20.12
C GLY A 21 -11.57 -16.26 -18.96
N PRO A 22 -10.40 -15.57 -19.01
CA PRO A 22 -9.51 -15.49 -17.86
C PRO A 22 -10.06 -14.72 -16.66
N VAL A 23 -9.54 -15.03 -15.48
CA VAL A 23 -9.84 -14.29 -14.25
C VAL A 23 -8.48 -13.91 -13.68
N ILE A 24 -8.24 -12.62 -13.53
CA ILE A 24 -6.92 -12.13 -13.01
C ILE A 24 -7.13 -11.80 -11.55
N GLY A 25 -6.04 -11.59 -10.81
CA GLY A 25 -6.13 -11.19 -9.40
C GLY A 25 -5.49 -9.82 -9.26
N ILE A 26 -6.16 -8.91 -8.58
CA ILE A 26 -5.62 -7.53 -8.39
C ILE A 26 -5.68 -7.15 -6.93
N ASP A 27 -4.52 -6.73 -6.42
CA ASP A 27 -4.37 -6.13 -5.09
C ASP A 27 -4.53 -4.64 -5.35
N LEU A 28 -5.65 -4.09 -4.92
CA LEU A 28 -5.95 -2.63 -5.00
C LEU A 28 -5.60 -2.03 -3.64
N GLY A 29 -4.34 -1.62 -3.50
CA GLY A 29 -3.71 -1.20 -2.25
C GLY A 29 -4.02 0.27 -2.06
N THR A 30 -3.77 0.80 -0.89
CA THR A 30 -3.92 2.26 -0.70
C THR A 30 -2.91 3.02 -1.58
N THR A 31 -1.63 2.68 -1.51
CA THR A 31 -0.54 3.44 -2.17
C THR A 31 -0.19 2.82 -3.53
N TYR A 32 -0.53 1.57 -3.79
CA TYR A 32 -0.09 0.83 -5.00
C TYR A 32 -1.11 -0.24 -5.38
N SER A 33 -1.08 -0.70 -6.63
N SER A 33 -0.96 -0.75 -6.59
CA SER A 33 -1.78 -1.94 -7.05
CA SER A 33 -1.71 -1.90 -7.13
C SER A 33 -0.76 -2.91 -7.65
C SER A 33 -0.77 -2.89 -7.78
N CYS A 34 -1.18 -4.15 -7.80
CA CYS A 34 -0.34 -5.26 -8.26
C CYS A 34 -1.28 -6.26 -8.89
N VAL A 35 -0.91 -6.78 -10.06
CA VAL A 35 -1.79 -7.70 -10.81
C VAL A 35 -1.00 -8.98 -11.07
N GLY A 36 -1.69 -10.09 -10.89
CA GLY A 36 -1.19 -11.44 -11.15
C GLY A 36 -2.20 -12.18 -12.00
N VAL A 37 -1.69 -13.14 -12.77
CA VAL A 37 -2.48 -14.09 -13.59
C VAL A 37 -2.08 -15.50 -13.17
N PHE A 38 -3.01 -16.42 -13.28
CA PHE A 38 -2.81 -17.86 -13.04
C PHE A 38 -2.83 -18.52 -14.43
N LYS A 39 -1.71 -19.07 -14.87
CA LYS A 39 -1.62 -19.64 -16.23
C LYS A 39 -0.64 -20.80 -16.22
N ASN A 40 -1.01 -21.95 -16.80
CA ASN A 40 -0.11 -23.12 -16.92
C ASN A 40 0.39 -23.51 -15.52
N GLY A 41 -0.51 -23.47 -14.55
CA GLY A 41 -0.26 -23.86 -13.16
C GLY A 41 0.68 -22.93 -12.39
N ARG A 42 0.98 -21.73 -12.91
CA ARG A 42 1.81 -20.77 -12.12
C ARG A 42 1.12 -19.41 -12.05
N VAL A 43 1.37 -18.70 -10.97
CA VAL A 43 0.98 -17.27 -10.80
C VAL A 43 2.12 -16.45 -11.36
N GLU A 44 1.83 -15.54 -12.23
CA GLU A 44 2.86 -14.59 -12.70
C GLU A 44 2.40 -13.20 -12.21
N ILE A 45 3.19 -12.54 -11.39
CA ILE A 45 2.93 -11.11 -11.05
C ILE A 45 3.49 -10.30 -12.23
N LEU A 46 2.70 -9.45 -12.86
CA LEU A 46 3.09 -8.81 -14.13
C LEU A 46 3.75 -7.45 -13.92
N ASN A 47 4.68 -7.13 -14.81
CA ASN A 47 5.39 -5.83 -14.81
C ASN A 47 4.49 -4.85 -15.54
N ASN A 48 4.50 -3.58 -15.12
CA ASN A 48 3.84 -2.50 -15.89
C ASN A 48 4.81 -2.13 -17.03
N GLU A 49 4.55 -1.04 -17.72
CA GLU A 49 5.26 -0.67 -18.98
C GLU A 49 6.62 -0.07 -18.57
N LEU A 50 6.81 0.33 -17.29
CA LEU A 50 8.13 0.74 -16.76
C LEU A 50 8.89 -0.43 -16.17
N GLY A 51 8.39 -1.66 -16.29
CA GLY A 51 9.12 -2.85 -15.82
C GLY A 51 9.01 -3.08 -14.31
N ASN A 52 7.95 -2.56 -13.65
CA ASN A 52 7.80 -2.71 -12.16
C ASN A 52 6.55 -3.56 -11.88
N ARG A 53 6.61 -4.35 -10.83
CA ARG A 53 5.50 -5.26 -10.46
C ARG A 53 4.47 -4.54 -9.58
N ILE A 54 4.87 -3.41 -9.00
CA ILE A 54 4.07 -2.49 -8.13
C ILE A 54 3.79 -1.21 -8.91
N THR A 55 2.55 -0.78 -9.07
CA THR A 55 2.18 0.46 -9.77
C THR A 55 1.63 1.44 -8.73
N PRO A 56 2.18 2.67 -8.58
CA PRO A 56 1.60 3.62 -7.63
C PRO A 56 0.14 3.92 -8.01
N SER A 57 -0.74 4.00 -7.02
CA SER A 57 -2.19 4.18 -7.23
C SER A 57 -2.45 5.67 -7.31
N TYR A 58 -1.89 6.27 -8.35
CA TYR A 58 -1.97 7.72 -8.60
C TYR A 58 -2.59 7.97 -9.96
N VAL A 59 -3.37 9.05 -10.05
CA VAL A 59 -3.95 9.50 -11.34
C VAL A 59 -3.77 11.01 -11.39
N SER A 60 -3.15 11.51 -12.48
CA SER A 60 -2.93 12.97 -12.66
C SER A 60 -3.79 13.55 -13.78
N PHE A 61 -4.30 14.76 -13.57
CA PHE A 61 -5.12 15.53 -14.53
C PHE A 61 -4.47 16.91 -14.79
N VAL A 62 -3.37 16.89 -15.54
CA VAL A 62 -2.53 18.06 -15.85
C VAL A 62 -2.52 18.32 -17.35
N ASP A 63 -2.70 19.55 -17.79
CA ASP A 63 -2.35 19.98 -19.18
C ASP A 63 -3.17 19.19 -20.20
N GLY A 64 -4.43 18.87 -19.90
CA GLY A 64 -5.24 18.10 -20.84
C GLY A 64 -4.78 16.65 -21.02
N GLU A 65 -3.91 16.11 -20.18
CA GLU A 65 -3.55 14.67 -20.27
C GLU A 65 -3.91 13.98 -18.95
N ARG A 66 -4.25 12.72 -19.03
CA ARG A 66 -4.56 11.90 -17.86
C ARG A 66 -3.47 10.85 -17.76
N LYS A 67 -2.75 10.79 -16.66
CA LYS A 67 -1.71 9.74 -16.49
C LYS A 67 -2.08 8.87 -15.30
N VAL A 68 -1.63 7.61 -15.29
CA VAL A 68 -1.95 6.66 -14.17
C VAL A 68 -0.63 5.95 -13.82
N GLY A 69 -0.30 5.84 -12.55
CA GLY A 69 0.87 5.10 -12.07
C GLY A 69 2.00 6.02 -11.76
N GLU A 70 3.21 5.60 -12.07
CA GLU A 70 4.41 6.40 -11.71
C GLU A 70 4.42 7.75 -12.43
N ALA A 71 4.03 7.78 -13.69
CA ALA A 71 4.03 9.03 -14.48
C ALA A 71 3.12 10.05 -13.79
N ALA A 72 2.00 9.60 -13.21
CA ALA A 72 1.08 10.50 -12.47
C ALA A 72 1.76 10.89 -11.15
N LYS A 73 2.34 9.93 -10.43
CA LYS A 73 2.96 10.25 -9.13
C LYS A 73 4.03 11.35 -9.31
N LEU A 74 4.77 11.32 -10.41
CA LEU A 74 5.85 12.33 -10.63
C LEU A 74 5.24 13.74 -10.80
N GLU A 75 3.96 13.85 -11.19
CA GLU A 75 3.29 15.18 -11.33
C GLU A 75 2.94 15.79 -9.98
N ALA A 76 2.98 15.02 -8.90
CA ALA A 76 2.49 15.47 -7.57
C ALA A 76 3.35 16.64 -7.09
N THR A 77 4.62 16.70 -7.46
CA THR A 77 5.52 17.74 -6.90
C THR A 77 5.09 19.11 -7.42
N LEU A 78 4.99 19.27 -8.73
CA LEU A 78 4.62 20.56 -9.35
C LEU A 78 3.11 20.76 -9.49
N HIS A 79 2.28 19.70 -9.43
CA HIS A 79 0.80 19.80 -9.57
C HIS A 79 0.04 19.04 -8.48
N PRO A 80 0.24 19.45 -7.20
CA PRO A 80 -0.30 18.70 -6.06
C PRO A 80 -1.83 18.66 -6.08
N THR A 81 -2.49 19.70 -6.62
CA THR A 81 -3.98 19.74 -6.57
C THR A 81 -4.61 18.89 -7.68
N GLN A 82 -3.84 18.50 -8.68
CA GLN A 82 -4.32 17.78 -9.88
C GLN A 82 -3.87 16.32 -9.80
N THR A 83 -3.20 15.91 -8.74
CA THR A 83 -2.58 14.57 -8.66
C THR A 83 -3.29 13.81 -7.54
N VAL A 84 -4.14 12.89 -7.95
CA VAL A 84 -5.09 12.17 -7.07
C VAL A 84 -4.43 10.86 -6.64
N PHE A 85 -4.57 10.53 -5.37
CA PHE A 85 -4.00 9.29 -4.78
C PHE A 85 -4.75 9.00 -3.49
N ASP A 86 -4.51 7.83 -2.89
CA ASP A 86 -5.08 7.48 -1.56
C ASP A 86 -6.60 7.44 -1.66
N VAL A 87 -7.16 7.22 -2.85
CA VAL A 87 -8.63 7.22 -3.02
C VAL A 87 -9.26 6.06 -2.21
N LYS A 88 -8.48 5.03 -1.89
CA LYS A 88 -8.98 3.86 -1.14
C LYS A 88 -9.45 4.33 0.24
N ARG A 89 -8.87 5.42 0.73
CA ARG A 89 -9.25 6.00 2.02
C ARG A 89 -10.65 6.58 1.94
N LEU A 90 -11.12 6.92 0.75
CA LEU A 90 -12.44 7.60 0.60
C LEU A 90 -13.52 6.64 0.17
N ILE A 91 -13.17 5.60 -0.55
CA ILE A 91 -14.13 4.78 -1.35
C ILE A 91 -15.17 4.15 -0.41
N GLY A 92 -16.44 4.35 -0.76
CA GLY A 92 -17.63 3.86 -0.02
C GLY A 92 -17.84 4.51 1.32
N ARG A 93 -17.16 5.62 1.64
CA ARG A 93 -17.36 6.30 2.94
C ARG A 93 -18.28 7.51 2.78
N LYS A 94 -18.53 8.23 3.87
CA LYS A 94 -19.38 9.46 3.88
C LYS A 94 -18.45 10.65 4.13
N PHE A 95 -18.82 11.79 3.56
CA PHE A 95 -18.03 13.03 3.64
C PHE A 95 -17.80 13.42 5.09
N ASP A 96 -18.78 13.19 5.98
CA ASP A 96 -18.70 13.66 7.40
C ASP A 96 -18.09 12.57 8.29
N ASP A 97 -17.75 11.37 7.79
CA ASP A 97 -17.05 10.39 8.65
C ASP A 97 -15.78 11.04 9.19
N GLN A 98 -15.48 10.77 10.47
CA GLN A 98 -14.31 11.31 11.18
C GLN A 98 -13.03 10.99 10.37
N GLU A 99 -12.88 9.79 9.82
CA GLU A 99 -11.67 9.42 9.02
C GLU A 99 -11.60 10.30 7.75
N VAL A 100 -12.72 10.60 7.10
CA VAL A 100 -12.71 11.35 5.82
C VAL A 100 -12.40 12.83 6.09
N VAL A 101 -12.90 13.35 7.20
CA VAL A 101 -12.60 14.73 7.71
C VAL A 101 -11.08 14.84 7.85
N LYS A 102 -10.42 13.87 8.50
CA LYS A 102 -8.93 13.83 8.67
C LYS A 102 -8.23 13.80 7.30
N ASP A 103 -8.65 12.87 6.45
CA ASP A 103 -8.04 12.70 5.10
C ASP A 103 -8.23 13.99 4.28
N ARG A 104 -9.39 14.65 4.34
CA ARG A 104 -9.55 15.93 3.62
C ARG A 104 -8.50 16.91 4.12
N SER A 105 -8.26 17.01 5.43
CA SER A 105 -7.21 17.94 5.97
C SER A 105 -5.82 17.48 5.52
N LEU A 106 -5.57 16.22 5.18
CA LEU A 106 -4.20 15.79 4.79
C LEU A 106 -4.00 15.84 3.27
N LEU A 107 -5.04 15.63 2.47
CA LEU A 107 -4.87 15.41 1.02
C LEU A 107 -4.89 16.77 0.33
N PRO A 108 -4.04 16.98 -0.69
CA PRO A 108 -3.93 18.31 -1.31
C PRO A 108 -4.88 18.58 -2.48
N TYR A 109 -5.57 17.55 -2.96
CA TYR A 109 -6.57 17.73 -4.04
C TYR A 109 -7.91 17.97 -3.37
N GLU A 110 -8.80 18.65 -4.08
CA GLU A 110 -10.08 19.10 -3.48
C GLU A 110 -11.01 17.88 -3.35
N ILE A 111 -11.58 17.71 -2.16
CA ILE A 111 -12.65 16.72 -1.89
C ILE A 111 -13.94 17.47 -1.57
N VAL A 112 -15.01 17.17 -2.29
CA VAL A 112 -16.32 17.83 -2.16
C VAL A 112 -17.33 16.81 -1.68
N ASN A 113 -18.40 17.37 -1.13
CA ASN A 113 -19.53 16.64 -0.54
C ASN A 113 -20.58 16.49 -1.63
N ASN A 114 -20.67 15.33 -2.27
CA ASN A 114 -21.74 15.07 -3.25
C ASN A 114 -22.81 14.22 -2.55
N GLN A 115 -23.88 14.87 -2.07
CA GLN A 115 -25.05 14.17 -1.49
C GLN A 115 -24.55 13.25 -0.37
N GLY A 116 -23.64 13.74 0.47
CA GLY A 116 -23.19 13.02 1.69
C GLY A 116 -21.92 12.20 1.49
N LYS A 117 -21.44 12.08 0.25
CA LYS A 117 -20.28 11.21 -0.10
C LYS A 117 -19.10 12.06 -0.62
N PRO A 118 -17.85 11.67 -0.34
CA PRO A 118 -16.71 12.44 -0.80
C PRO A 118 -16.55 12.18 -2.29
N ASN A 119 -16.38 13.26 -3.04
CA ASN A 119 -15.95 13.17 -4.45
C ASN A 119 -14.69 14.00 -4.65
N ILE A 120 -13.98 13.72 -5.72
CA ILE A 120 -12.66 14.33 -5.96
C ILE A 120 -12.92 15.39 -7.04
N LYS A 121 -12.41 16.59 -6.87
CA LYS A 121 -12.59 17.66 -7.87
C LYS A 121 -11.24 18.11 -8.34
N VAL A 122 -11.09 18.11 -9.65
CA VAL A 122 -9.86 18.53 -10.33
C VAL A 122 -10.28 19.36 -11.54
N GLN A 123 -9.31 19.80 -12.30
CA GLN A 123 -9.56 20.49 -13.58
C GLN A 123 -8.98 19.69 -14.73
N ILE A 124 -9.73 19.63 -15.83
CA ILE A 124 -9.24 19.07 -17.10
C ILE A 124 -9.39 20.18 -18.12
N LYS A 125 -8.30 20.70 -18.66
CA LYS A 125 -8.33 21.90 -19.56
C LYS A 125 -9.12 23.02 -18.86
N ASP A 126 -8.83 23.25 -17.57
CA ASP A 126 -9.38 24.37 -16.75
C ASP A 126 -10.82 24.12 -16.32
N LYS A 127 -11.50 23.08 -16.83
CA LYS A 127 -12.90 22.78 -16.44
C LYS A 127 -12.93 21.99 -15.16
N ASP A 128 -13.79 22.39 -14.23
CA ASP A 128 -14.03 21.65 -12.97
C ASP A 128 -14.66 20.32 -13.36
N THR A 129 -14.11 19.25 -12.83
CA THR A 129 -14.56 17.87 -13.08
C THR A 129 -14.53 17.15 -11.74
N THR A 130 -15.63 16.51 -11.44
CA THR A 130 -15.79 15.80 -10.18
C THR A 130 -15.89 14.31 -10.50
N PHE A 131 -15.21 13.50 -9.69
CA PHE A 131 -15.17 12.03 -9.76
C PHE A 131 -15.55 11.42 -8.40
N ALA A 132 -16.37 10.39 -8.46
CA ALA A 132 -16.56 9.43 -7.38
C ALA A 132 -15.21 8.72 -7.14
N PRO A 133 -14.89 8.31 -5.90
CA PRO A 133 -13.70 7.49 -5.66
C PRO A 133 -13.59 6.28 -6.61
N GLU A 134 -14.72 5.62 -6.91
CA GLU A 134 -14.73 4.38 -7.72
C GLU A 134 -14.40 4.70 -9.16
N GLN A 135 -14.64 5.91 -9.65
CA GLN A 135 -14.18 6.34 -10.99
C GLN A 135 -12.67 6.48 -11.05
N ILE A 136 -12.03 6.91 -9.96
CA ILE A 136 -10.54 7.00 -9.94
C ILE A 136 -9.97 5.60 -9.74
N SER A 137 -10.52 4.82 -8.80
CA SER A 137 -10.11 3.39 -8.65
C SER A 137 -10.31 2.62 -9.95
N ALA A 138 -11.36 2.91 -10.72
CA ALA A 138 -11.60 2.26 -12.03
C ALA A 138 -10.40 2.53 -12.96
N MET A 139 -9.80 3.72 -12.92
CA MET A 139 -8.69 4.04 -13.83
C MET A 139 -7.47 3.19 -13.47
N VAL A 140 -7.26 2.94 -12.20
CA VAL A 140 -6.15 2.07 -11.73
C VAL A 140 -6.45 0.64 -12.18
N LEU A 141 -7.69 0.18 -12.00
CA LEU A 141 -8.08 -1.17 -12.39
C LEU A 141 -7.92 -1.33 -13.90
N GLU A 142 -8.27 -0.29 -14.69
CA GLU A 142 -8.20 -0.35 -16.17
C GLU A 142 -6.74 -0.62 -16.53
N LYS A 143 -5.81 0.06 -15.90
CA LYS A 143 -4.37 -0.05 -16.20
C LYS A 143 -3.89 -1.47 -15.86
N MET A 144 -4.35 -2.02 -14.74
CA MET A 144 -3.93 -3.39 -14.34
C MET A 144 -4.50 -4.38 -15.36
N LYS A 145 -5.75 -4.13 -15.79
CA LYS A 145 -6.45 -4.96 -16.79
C LYS A 145 -5.63 -4.99 -18.06
N GLU A 146 -5.16 -3.85 -18.53
CA GLU A 146 -4.42 -3.72 -19.81
C GLU A 146 -3.10 -4.46 -19.71
N ILE A 147 -2.44 -4.43 -18.56
CA ILE A 147 -1.19 -5.21 -18.34
C ILE A 147 -1.54 -6.68 -18.55
N ALA A 148 -2.60 -7.17 -17.93
CA ALA A 148 -3.00 -8.59 -18.05
C ALA A 148 -3.36 -8.91 -19.51
N GLN A 149 -4.11 -8.04 -20.16
CA GLN A 149 -4.58 -8.31 -21.55
C GLN A 149 -3.38 -8.44 -22.50
N SER A 150 -2.44 -7.50 -22.41
N SER A 150 -2.40 -7.56 -22.34
CA SER A 150 -1.21 -7.51 -23.24
CA SER A 150 -1.20 -7.45 -23.21
C SER A 150 -0.52 -8.86 -23.04
C SER A 150 -0.27 -8.63 -22.95
N PHE A 151 -0.40 -9.28 -21.78
CA PHE A 151 0.43 -10.44 -21.39
C PHE A 151 -0.27 -11.71 -21.83
N LEU A 152 -1.56 -11.82 -21.58
CA LEU A 152 -2.32 -13.03 -21.93
C LEU A 152 -2.62 -13.04 -23.43
N GLY A 153 -2.43 -11.90 -24.11
CA GLY A 153 -2.87 -11.69 -25.51
C GLY A 153 -4.34 -12.03 -25.72
N LYS A 154 -5.21 -11.66 -24.78
CA LYS A 154 -6.68 -11.77 -24.96
C LYS A 154 -7.41 -10.84 -24.00
N PRO A 155 -8.69 -10.55 -24.26
CA PRO A 155 -9.43 -9.64 -23.40
C PRO A 155 -9.67 -10.28 -22.03
N VAL A 156 -9.71 -9.43 -21.01
CA VAL A 156 -9.98 -9.84 -19.61
C VAL A 156 -11.24 -9.13 -19.15
N LYS A 157 -12.23 -9.89 -18.70
CA LYS A 157 -13.55 -9.34 -18.28
C LYS A 157 -13.76 -9.61 -16.80
N ASN A 158 -12.93 -10.43 -16.16
CA ASN A 158 -13.26 -10.92 -14.79
C ASN A 158 -12.00 -10.88 -13.89
N ALA A 159 -12.20 -10.63 -12.60
CA ALA A 159 -11.08 -10.46 -11.66
C ALA A 159 -11.52 -10.89 -10.28
N VAL A 160 -10.55 -11.28 -9.49
CA VAL A 160 -10.65 -11.29 -8.01
C VAL A 160 -9.94 -10.02 -7.57
N VAL A 161 -10.59 -9.23 -6.72
CA VAL A 161 -10.00 -8.00 -6.17
C VAL A 161 -10.01 -8.11 -4.67
N THR A 162 -8.94 -7.65 -4.05
CA THR A 162 -8.76 -7.67 -2.59
C THR A 162 -9.31 -6.39 -1.97
N VAL A 163 -9.81 -6.53 -0.75
CA VAL A 163 -10.11 -5.41 0.17
C VAL A 163 -9.60 -5.69 1.55
N PRO A 164 -9.45 -4.63 2.35
CA PRO A 164 -9.16 -4.83 3.75
C PRO A 164 -10.29 -5.58 4.44
N ALA A 165 -9.94 -6.42 5.43
CA ALA A 165 -10.91 -7.22 6.23
C ALA A 165 -11.93 -6.28 6.92
N TYR A 166 -11.57 -5.05 7.26
CA TYR A 166 -12.46 -4.11 8.00
C TYR A 166 -13.41 -3.43 6.99
N PHE A 167 -13.27 -3.62 5.67
CA PHE A 167 -14.20 -2.98 4.72
C PHE A 167 -15.65 -3.45 4.99
N ASN A 168 -16.59 -2.51 4.93
CA ASN A 168 -18.02 -2.80 5.18
C ASN A 168 -18.67 -3.08 3.83
N ASP A 169 -19.99 -3.28 3.80
CA ASP A 169 -20.65 -3.66 2.54
C ASP A 169 -20.57 -2.48 1.53
N ALA A 170 -20.66 -1.23 1.98
CA ALA A 170 -20.63 -0.08 1.05
C ALA A 170 -19.23 0.05 0.43
N GLN A 171 -18.19 -0.16 1.23
CA GLN A 171 -16.80 -0.08 0.70
C GLN A 171 -16.60 -1.23 -0.30
N ARG A 172 -17.06 -2.44 0.00
CA ARG A 172 -16.95 -3.58 -0.94
C ARG A 172 -17.72 -3.28 -2.22
N GLN A 173 -18.95 -2.78 -2.11
CA GLN A 173 -19.78 -2.56 -3.31
C GLN A 173 -19.10 -1.47 -4.15
N ALA A 174 -18.61 -0.39 -3.51
CA ALA A 174 -17.93 0.69 -4.26
C ALA A 174 -16.71 0.12 -5.01
N THR A 175 -16.00 -0.83 -4.42
CA THR A 175 -14.87 -1.50 -5.13
C THR A 175 -15.43 -2.29 -6.29
N LYS A 176 -16.49 -3.07 -6.09
CA LYS A 176 -17.10 -3.79 -7.23
C LYS A 176 -17.52 -2.78 -8.32
N ASP A 177 -18.08 -1.64 -7.93
CA ASP A 177 -18.56 -0.65 -8.93
C ASP A 177 -17.34 -0.10 -9.67
N ALA A 178 -16.18 0.04 -9.01
CA ALA A 178 -14.93 0.42 -9.70
C ALA A 178 -14.59 -0.61 -10.78
N GLY A 179 -14.72 -1.88 -10.46
CA GLY A 179 -14.48 -2.95 -11.44
C GLY A 179 -15.41 -2.82 -12.64
N THR A 180 -16.70 -2.66 -12.41
CA THR A 180 -17.72 -2.55 -13.49
C THR A 180 -17.35 -1.36 -14.41
N ILE A 181 -16.94 -0.23 -13.83
CA ILE A 181 -16.54 0.96 -14.63
C ILE A 181 -15.34 0.55 -15.46
N ALA A 182 -14.42 -0.23 -14.92
CA ALA A 182 -13.21 -0.58 -15.69
C ALA A 182 -13.49 -1.72 -16.67
N GLY A 183 -14.73 -2.18 -16.81
CA GLY A 183 -15.08 -3.34 -17.68
C GLY A 183 -14.65 -4.67 -17.04
N LEU A 184 -14.50 -4.74 -15.73
CA LEU A 184 -14.19 -5.98 -14.96
C LEU A 184 -15.42 -6.41 -14.15
N ASN A 185 -15.86 -7.63 -14.36
CA ASN A 185 -16.77 -8.27 -13.40
C ASN A 185 -15.90 -8.79 -12.26
N ILE A 186 -16.08 -8.27 -11.05
CA ILE A 186 -15.33 -8.74 -9.87
C ILE A 186 -16.09 -9.92 -9.31
N VAL A 187 -15.67 -11.12 -9.73
CA VAL A 187 -16.37 -12.42 -9.47
C VAL A 187 -16.27 -12.73 -7.98
N ARG A 188 -15.23 -12.23 -7.30
CA ARG A 188 -15.09 -12.42 -5.84
C ARG A 188 -14.22 -11.30 -5.28
N ILE A 189 -14.65 -10.76 -4.17
CA ILE A 189 -13.86 -9.83 -3.33
C ILE A 189 -13.30 -10.72 -2.23
N ILE A 190 -12.01 -10.69 -1.97
CA ILE A 190 -11.50 -11.48 -0.83
C ILE A 190 -10.71 -10.53 0.03
N ASN A 191 -10.71 -10.79 1.34
CA ASN A 191 -9.98 -9.89 2.22
C ASN A 191 -8.47 -10.14 2.10
N GLU A 192 -7.71 -9.09 2.36
CA GLU A 192 -6.23 -9.06 2.27
C GLU A 192 -5.63 -10.17 3.15
N PRO A 193 -6.09 -10.43 4.39
CA PRO A 193 -5.53 -11.55 5.15
C PRO A 193 -5.67 -12.94 4.52
N THR A 194 -6.83 -13.23 3.93
CA THR A 194 -7.13 -14.49 3.24
C THR A 194 -6.20 -14.60 2.04
N ALA A 195 -6.09 -13.54 1.24
CA ALA A 195 -5.18 -13.53 0.07
C ALA A 195 -3.74 -13.88 0.49
N ALA A 196 -3.26 -13.30 1.59
CA ALA A 196 -1.90 -13.56 2.10
C ALA A 196 -1.82 -15.05 2.48
N ALA A 197 -2.82 -15.56 3.19
CA ALA A 197 -2.87 -16.97 3.64
C ALA A 197 -2.85 -17.92 2.43
N LEU A 198 -3.51 -17.58 1.33
CA LEU A 198 -3.49 -18.38 0.09
C LEU A 198 -2.10 -18.27 -0.52
N ALA A 199 -1.52 -17.09 -0.56
CA ALA A 199 -0.21 -16.93 -1.23
C ALA A 199 0.85 -17.81 -0.52
N TYR A 200 0.87 -17.80 0.80
CA TYR A 200 1.87 -18.50 1.63
C TYR A 200 1.50 -19.98 1.75
N GLY A 201 0.35 -20.32 1.22
CA GLY A 201 -0.10 -21.71 1.10
C GLY A 201 -0.34 -22.31 2.46
N LEU A 202 -0.86 -21.51 3.41
CA LEU A 202 -1.05 -21.96 4.80
C LEU A 202 -1.97 -23.19 4.77
N ASP A 203 -1.64 -24.24 5.54
CA ASP A 203 -2.40 -25.53 5.50
C ASP A 203 -3.86 -25.22 5.87
N LYS A 204 -4.79 -25.66 5.03
CA LYS A 204 -6.25 -25.43 5.18
C LYS A 204 -6.88 -26.51 6.06
N LYS A 205 -6.18 -27.61 6.34
CA LYS A 205 -6.68 -28.73 7.19
C LYS A 205 -6.61 -28.32 8.66
N GLU A 206 -7.49 -28.86 9.49
CA GLU A 206 -7.49 -28.64 10.96
C GLU A 206 -7.80 -27.16 11.19
N GLU A 207 -7.50 -26.68 12.39
CA GLU A 207 -7.74 -25.30 12.81
C GLU A 207 -6.39 -24.63 13.11
N THR A 208 -6.08 -23.50 12.47
CA THR A 208 -4.88 -22.69 12.82
C THR A 208 -5.29 -21.22 12.89
N SER A 209 -4.79 -20.53 13.92
CA SER A 209 -4.93 -19.08 14.14
C SER A 209 -3.67 -18.37 13.66
N ILE A 210 -3.81 -17.37 12.79
CA ILE A 210 -2.70 -16.68 12.10
C ILE A 210 -2.83 -15.17 12.38
N LEU A 211 -1.72 -14.55 12.80
CA LEU A 211 -1.64 -13.08 12.91
C LEU A 211 -1.07 -12.57 11.60
N VAL A 212 -1.87 -11.82 10.82
CA VAL A 212 -1.41 -11.26 9.53
C VAL A 212 -1.04 -9.80 9.85
N TYR A 213 0.26 -9.49 9.81
CA TYR A 213 0.82 -8.15 10.10
C TYR A 213 1.17 -7.52 8.77
N ASP A 214 0.45 -6.49 8.37
CA ASP A 214 0.52 -5.90 7.02
C ASP A 214 0.94 -4.45 7.19
N LEU A 215 2.22 -4.20 6.94
CA LEU A 215 2.76 -2.83 7.06
C LEU A 215 3.19 -2.37 5.65
N GLY A 216 2.39 -1.48 5.08
CA GLY A 216 2.56 -1.02 3.69
C GLY A 216 3.28 0.30 3.69
N GLY A 217 3.14 1.03 2.59
CA GLY A 217 3.69 2.39 2.37
C GLY A 217 2.97 3.40 3.24
N GLY A 218 1.65 3.30 3.38
CA GLY A 218 0.90 4.35 4.09
C GLY A 218 0.07 3.84 5.22
N THR A 219 -0.21 2.53 5.30
CA THR A 219 -1.21 1.99 6.27
C THR A 219 -0.68 0.76 6.98
N PHE A 220 -1.12 0.55 8.20
CA PHE A 220 -0.76 -0.64 8.98
C PHE A 220 -2.05 -1.37 9.30
N ASP A 221 -2.13 -2.65 8.99
CA ASP A 221 -3.31 -3.50 9.33
C ASP A 221 -2.83 -4.77 10.02
N VAL A 222 -3.50 -5.16 11.10
CA VAL A 222 -3.25 -6.50 11.67
C VAL A 222 -4.61 -7.18 11.87
N SER A 223 -4.63 -8.47 11.60
CA SER A 223 -5.86 -9.31 11.59
C SER A 223 -5.49 -10.61 12.29
N ILE A 224 -6.43 -11.18 13.03
CA ILE A 224 -6.39 -12.62 13.39
C ILE A 224 -7.27 -13.37 12.41
N LEU A 225 -6.64 -14.24 11.65
CA LEU A 225 -7.29 -15.05 10.64
C LEU A 225 -7.28 -16.48 11.16
N VAL A 226 -8.45 -17.10 11.19
CA VAL A 226 -8.59 -18.52 11.59
C VAL A 226 -8.91 -19.31 10.37
N ILE A 227 -8.13 -20.37 10.12
CA ILE A 227 -8.41 -21.29 9.01
C ILE A 227 -8.94 -22.56 9.68
N ASP A 228 -10.07 -23.05 9.23
CA ASP A 228 -10.71 -24.23 9.86
C ASP A 228 -11.23 -25.10 8.72
N ASN A 229 -10.51 -26.17 8.39
CA ASN A 229 -10.95 -27.16 7.37
C ASN A 229 -11.32 -26.40 6.08
N GLY A 230 -10.49 -25.44 5.66
CA GLY A 230 -10.59 -24.75 4.36
C GLY A 230 -11.46 -23.52 4.41
N VAL A 231 -12.04 -23.22 5.59
CA VAL A 231 -12.89 -22.03 5.80
C VAL A 231 -12.05 -20.98 6.49
N PHE A 232 -11.98 -19.80 5.89
CA PHE A 232 -11.17 -18.66 6.39
C PHE A 232 -12.08 -17.67 7.06
N GLU A 233 -11.75 -17.23 8.27
CA GLU A 233 -12.59 -16.26 9.01
C GLU A 233 -11.62 -15.30 9.70
N VAL A 234 -11.81 -14.01 9.48
CA VAL A 234 -11.08 -12.96 10.22
C VAL A 234 -11.81 -12.68 11.53
N TYR A 235 -11.25 -13.12 12.64
CA TYR A 235 -11.84 -12.99 13.99
C TYR A 235 -11.64 -11.59 14.56
N ALA A 236 -10.67 -10.80 14.10
CA ALA A 236 -10.48 -9.45 14.67
C ALA A 236 -9.50 -8.71 13.79
N THR A 237 -9.68 -7.40 13.72
CA THR A 237 -8.84 -6.50 12.91
C THR A 237 -8.60 -5.23 13.72
N ALA A 238 -7.42 -4.64 13.53
CA ALA A 238 -7.09 -3.30 14.06
C ALA A 238 -5.97 -2.75 13.18
N GLY A 239 -5.64 -1.49 13.34
CA GLY A 239 -4.48 -0.97 12.62
C GLY A 239 -4.27 0.48 12.94
N ASN A 240 -3.52 1.11 12.06
CA ASN A 240 -3.23 2.55 12.11
C ASN A 240 -3.23 2.99 10.66
N THR A 241 -4.18 3.83 10.30
CA THR A 241 -4.49 4.22 8.92
C THR A 241 -3.39 5.16 8.44
N HIS A 242 -2.58 5.76 9.33
CA HIS A 242 -1.54 6.75 8.95
C HIS A 242 -0.17 6.35 9.50
N LEU A 243 0.22 5.10 9.24
CA LEU A 243 1.52 4.55 9.69
C LEU A 243 1.99 3.58 8.62
N GLY A 244 3.09 3.92 7.95
CA GLY A 244 3.72 3.05 6.96
C GLY A 244 5.12 3.49 6.62
N GLY A 245 5.70 2.82 5.64
CA GLY A 245 7.07 3.12 5.18
C GLY A 245 7.26 4.58 4.84
N GLU A 246 6.24 5.26 4.28
CA GLU A 246 6.37 6.71 3.89
C GLU A 246 6.66 7.55 5.14
N ASP A 247 6.11 7.16 6.27
CA ASP A 247 6.34 7.90 7.55
C ASP A 247 7.79 7.71 8.00
N PHE A 248 8.38 6.54 7.75
CA PHE A 248 9.77 6.24 8.20
C PHE A 248 10.69 7.10 7.33
N ASP A 249 10.33 7.21 6.05
CA ASP A 249 11.11 8.05 5.10
C ASP A 249 11.01 9.50 5.58
N GLN A 250 9.82 9.95 5.96
CA GLN A 250 9.62 11.35 6.40
C GLN A 250 10.48 11.61 7.65
N ARG A 251 10.64 10.64 8.57
CA ARG A 251 11.45 10.87 9.78
C ARG A 251 12.89 11.14 9.37
N VAL A 252 13.37 10.42 8.38
CA VAL A 252 14.74 10.56 7.85
C VAL A 252 14.89 11.91 7.15
N MET A 253 13.92 12.25 6.28
N MET A 253 13.94 12.28 6.31
CA MET A 253 13.83 13.55 5.58
CA MET A 253 14.02 13.57 5.61
C MET A 253 13.96 14.67 6.60
C MET A 253 14.01 14.70 6.64
N ASP A 254 13.17 14.62 7.66
CA ASP A 254 13.12 15.68 8.71
C ASP A 254 14.52 15.87 9.31
N TYR A 255 15.18 14.79 9.64
CA TYR A 255 16.54 14.78 10.22
C TYR A 255 17.54 15.46 9.27
N PHE A 256 17.58 15.05 8.01
CA PHE A 256 18.61 15.58 7.09
C PHE A 256 18.28 17.00 6.61
N ILE A 257 17.02 17.39 6.57
CA ILE A 257 16.64 18.80 6.30
C ILE A 257 17.19 19.69 7.42
N LYS A 258 17.02 19.30 8.68
CA LYS A 258 17.59 20.04 9.83
C LYS A 258 19.11 20.12 9.68
N MET A 259 19.77 18.99 9.38
CA MET A 259 21.24 18.95 9.30
C MET A 259 21.70 19.90 8.17
N PHE A 260 21.06 19.82 7.00
CA PHE A 260 21.51 20.58 5.82
C PHE A 260 21.41 22.06 6.12
N LYS A 261 20.36 22.43 6.86
CA LYS A 261 20.14 23.84 7.30
C LYS A 261 21.26 24.24 8.25
N LYS A 262 21.63 23.37 9.19
CA LYS A 262 22.66 23.68 10.20
C LYS A 262 23.96 23.96 9.48
N LYS A 263 24.29 23.11 8.50
CA LYS A 263 25.62 23.13 7.87
C LYS A 263 25.68 24.19 6.77
N ASN A 264 24.60 24.37 6.04
CA ASN A 264 24.64 25.13 4.76
C ASN A 264 23.77 26.39 4.78
N ASN A 265 22.96 26.65 5.82
CA ASN A 265 22.03 27.81 5.83
C ASN A 265 21.05 27.71 4.67
N ILE A 266 20.75 26.49 4.24
CA ILE A 266 19.73 26.21 3.21
C ILE A 266 18.64 25.33 3.82
N ASP A 267 17.40 25.82 3.76
CA ASP A 267 16.22 25.04 4.17
C ASP A 267 15.68 24.38 2.93
N LEU A 268 15.89 23.06 2.79
CA LEU A 268 15.52 22.37 1.53
C LEU A 268 14.00 22.38 1.33
N ARG A 269 13.23 22.59 2.38
CA ARG A 269 11.76 22.71 2.23
C ARG A 269 11.38 23.91 1.36
N THR A 270 12.23 24.90 1.15
CA THR A 270 11.95 26.06 0.30
C THR A 270 11.98 25.66 -1.18
N ASP A 271 12.45 24.46 -1.52
CA ASP A 271 12.51 24.04 -2.94
C ASP A 271 11.86 22.67 -3.11
N LYS A 272 10.66 22.64 -3.64
CA LYS A 272 9.85 21.39 -3.75
C LYS A 272 10.58 20.33 -4.57
N ARG A 273 11.26 20.75 -5.62
CA ARG A 273 12.09 19.85 -6.46
C ARG A 273 13.20 19.21 -5.61
N ALA A 274 13.84 19.99 -4.75
CA ALA A 274 14.91 19.49 -3.88
C ALA A 274 14.33 18.40 -2.99
N ILE A 275 13.14 18.62 -2.42
CA ILE A 275 12.46 17.65 -1.50
C ILE A 275 12.15 16.35 -2.25
N GLN A 276 11.65 16.46 -3.48
CA GLN A 276 11.29 15.27 -4.34
C GLN A 276 12.56 14.43 -4.53
N LYS A 277 13.67 15.05 -4.86
CA LYS A 277 14.93 14.32 -5.17
C LYS A 277 15.44 13.67 -3.88
N LEU A 278 15.34 14.36 -2.76
CA LEU A 278 15.76 13.81 -1.46
C LEU A 278 14.88 12.61 -1.12
N ARG A 279 13.55 12.70 -1.21
CA ARG A 279 12.65 11.60 -0.80
C ARG A 279 12.99 10.36 -1.61
N LYS A 280 13.31 10.50 -2.90
CA LYS A 280 13.63 9.33 -3.74
C LYS A 280 14.90 8.65 -3.23
N GLU A 281 15.94 9.43 -2.90
CA GLU A 281 17.21 8.84 -2.40
C GLU A 281 17.00 8.30 -0.99
N VAL A 282 16.21 8.98 -0.16
CA VAL A 282 15.99 8.48 1.23
C VAL A 282 15.27 7.12 1.20
N GLU A 283 14.26 6.94 0.33
CA GLU A 283 13.54 5.65 0.20
C GLU A 283 14.51 4.54 -0.25
N ILE A 284 15.42 4.80 -1.19
CA ILE A 284 16.49 3.83 -1.58
C ILE A 284 17.41 3.55 -0.37
N ALA A 285 17.82 4.59 0.38
CA ALA A 285 18.75 4.40 1.52
C ALA A 285 18.05 3.50 2.55
N LYS A 286 16.78 3.74 2.81
CA LYS A 286 16.04 2.92 3.78
C LYS A 286 16.05 1.45 3.35
N ARG A 287 15.77 1.18 2.08
CA ARG A 287 15.79 -0.21 1.56
C ARG A 287 17.19 -0.81 1.79
N ASN A 288 18.25 -0.07 1.45
CA ASN A 288 19.65 -0.56 1.60
C ASN A 288 19.89 -0.95 3.04
N LEU A 289 19.37 -0.17 3.99
CA LEU A 289 19.64 -0.39 5.41
C LEU A 289 18.86 -1.58 5.94
N SER A 290 18.03 -2.21 5.13
CA SER A 290 17.43 -3.51 5.55
C SER A 290 18.46 -4.62 5.32
N VAL A 291 19.54 -4.34 4.58
CA VAL A 291 20.56 -5.36 4.17
C VAL A 291 21.93 -4.96 4.71
N VAL A 292 22.33 -3.67 4.60
CA VAL A 292 23.64 -3.15 5.10
C VAL A 292 23.45 -2.25 6.31
N HIS A 293 24.57 -1.85 6.91
CA HIS A 293 24.59 -1.07 8.17
C HIS A 293 24.79 0.41 7.86
N SER A 294 25.31 0.74 6.70
CA SER A 294 25.66 2.13 6.38
C SER A 294 25.46 2.37 4.89
N THR A 295 24.84 3.48 4.52
CA THR A 295 24.60 3.79 3.09
C THR A 295 24.77 5.28 2.86
N GLN A 296 25.16 5.65 1.64
CA GLN A 296 25.35 7.05 1.24
C GLN A 296 24.07 7.58 0.57
N ILE A 297 23.65 8.77 0.94
CA ILE A 297 22.55 9.48 0.26
C ILE A 297 23.20 10.64 -0.48
N GLU A 298 23.13 10.63 -1.80
CA GLU A 298 23.86 11.60 -2.64
C GLU A 298 22.91 12.18 -3.69
N ILE A 299 22.84 13.50 -3.77
CA ILE A 299 22.17 14.26 -4.85
C ILE A 299 23.12 15.39 -5.29
N GLU A 300 23.58 15.36 -6.54
CA GLU A 300 24.41 16.44 -7.10
C GLU A 300 23.48 17.63 -7.27
N ASP A 301 23.91 18.80 -6.85
CA ASP A 301 23.15 20.06 -7.04
C ASP A 301 21.71 19.88 -6.56
N ILE A 302 21.53 19.47 -5.32
CA ILE A 302 20.15 19.29 -4.79
C ILE A 302 19.48 20.67 -4.93
N VAL A 303 20.23 21.72 -4.70
CA VAL A 303 19.95 23.07 -5.30
C VAL A 303 21.23 23.49 -6.03
N GLU A 304 21.14 24.48 -6.90
CA GLU A 304 22.27 24.84 -7.76
C GLU A 304 23.47 25.21 -6.88
N GLY A 305 24.63 24.57 -7.13
CA GLY A 305 25.90 24.86 -6.43
C GLY A 305 26.02 24.20 -5.08
N HIS A 306 25.08 23.32 -4.69
CA HIS A 306 25.12 22.63 -3.38
C HIS A 306 24.71 21.16 -3.56
N ASN A 307 25.70 20.28 -3.30
CA ASN A 307 25.55 18.82 -3.33
C ASN A 307 24.96 18.41 -1.99
N PHE A 308 24.17 17.37 -1.99
CA PHE A 308 23.77 16.65 -0.78
C PHE A 308 24.60 15.40 -0.76
N SER A 309 25.32 15.19 0.32
CA SER A 309 26.11 13.96 0.54
C SER A 309 26.10 13.65 2.02
N GLU A 310 25.43 12.57 2.42
CA GLU A 310 25.32 12.15 3.83
C GLU A 310 25.41 10.63 3.93
N THR A 311 25.83 10.18 5.09
CA THR A 311 25.76 8.77 5.52
C THR A 311 24.59 8.59 6.46
N LEU A 312 23.83 7.54 6.25
CA LEU A 312 22.82 7.06 7.23
C LEU A 312 23.19 5.64 7.64
N THR A 313 23.15 5.40 8.94
CA THR A 313 23.38 4.09 9.53
C THR A 313 22.04 3.46 9.85
N ARG A 314 22.04 2.14 9.91
CA ARG A 314 20.86 1.42 10.41
C ARG A 314 20.50 1.92 11.81
N ALA A 315 21.49 2.16 12.68
CA ALA A 315 21.22 2.54 14.09
C ALA A 315 20.48 3.87 14.12
N LYS A 316 20.90 4.82 13.28
CA LYS A 316 20.23 6.15 13.24
C LYS A 316 18.86 6.01 12.59
N PHE A 317 18.77 5.26 11.48
CA PHE A 317 17.47 4.93 10.86
C PHE A 317 16.51 4.40 11.96
N GLU A 318 16.95 3.46 12.81
CA GLU A 318 16.07 2.86 13.84
C GLU A 318 15.75 3.88 14.92
N GLU A 319 16.75 4.64 15.33
CA GLU A 319 16.56 5.65 16.36
C GLU A 319 15.51 6.64 15.90
N LEU A 320 15.52 7.04 14.63
CA LEU A 320 14.62 8.11 14.12
C LEU A 320 13.15 7.62 14.12
N ASN A 321 12.95 6.29 14.12
CA ASN A 321 11.64 5.65 13.81
C ASN A 321 11.16 4.71 14.93
N ASP A 322 11.92 4.58 16.00
CA ASP A 322 11.72 3.53 17.02
C ASP A 322 10.30 3.64 17.61
N ASP A 323 9.82 4.84 17.88
CA ASP A 323 8.45 5.05 18.44
C ASP A 323 7.39 4.58 17.43
N LEU A 324 7.53 4.88 16.15
CA LEU A 324 6.62 4.41 15.08
C LEU A 324 6.66 2.89 15.01
N PHE A 325 7.86 2.29 15.04
CA PHE A 325 7.94 0.81 14.97
C PHE A 325 7.13 0.23 16.15
N ARG A 326 7.31 0.79 17.35
N ARG A 326 7.35 0.79 17.34
CA ARG A 326 6.69 0.21 18.56
CA ARG A 326 6.73 0.30 18.61
C ARG A 326 5.18 0.50 18.58
C ARG A 326 5.21 0.49 18.55
N GLU A 327 4.74 1.55 17.89
CA GLU A 327 3.29 1.86 17.79
C GLU A 327 2.55 0.69 17.11
N THR A 328 3.23 -0.06 16.25
CA THR A 328 2.59 -1.16 15.49
C THR A 328 2.13 -2.23 16.47
N LEU A 329 2.70 -2.29 17.67
CA LEU A 329 2.30 -3.36 18.63
C LEU A 329 0.97 -3.01 19.28
N GLU A 330 0.52 -1.76 19.25
CA GLU A 330 -0.74 -1.34 19.94
C GLU A 330 -1.90 -2.02 19.20
N PRO A 331 -2.00 -1.97 17.84
CA PRO A 331 -3.04 -2.77 17.19
C PRO A 331 -2.90 -4.28 17.40
N VAL A 332 -1.70 -4.82 17.57
CA VAL A 332 -1.52 -6.27 17.86
C VAL A 332 -2.19 -6.58 19.21
N LYS A 333 -1.94 -5.79 20.23
CA LYS A 333 -2.55 -6.02 21.57
C LYS A 333 -4.08 -5.90 21.46
N LYS A 334 -4.55 -4.99 20.61
CA LYS A 334 -5.99 -4.77 20.45
C LYS A 334 -6.65 -6.02 19.84
N VAL A 335 -6.09 -6.60 18.79
CA VAL A 335 -6.75 -7.77 18.16
C VAL A 335 -6.69 -8.96 19.11
N LEU A 336 -5.56 -9.18 19.80
CA LEU A 336 -5.46 -10.27 20.78
C LEU A 336 -6.53 -10.08 21.87
N ASP A 337 -6.75 -8.85 22.31
CA ASP A 337 -7.80 -8.49 23.29
C ASP A 337 -9.21 -8.69 22.70
N ASP A 338 -9.50 -8.17 21.49
CA ASP A 338 -10.83 -8.26 20.85
C ASP A 338 -11.23 -9.74 20.71
N ALA A 339 -10.27 -10.62 20.46
CA ALA A 339 -10.51 -12.05 20.15
C ALA A 339 -10.43 -12.88 21.41
N LYS A 340 -10.11 -12.24 22.54
CA LYS A 340 -9.82 -12.90 23.85
C LYS A 340 -8.79 -13.98 23.62
N TYR A 341 -7.70 -13.63 22.95
CA TYR A 341 -6.56 -14.52 22.67
C TYR A 341 -5.43 -14.18 23.64
N GLU A 342 -4.76 -15.22 24.11
CA GLU A 342 -3.39 -15.23 24.66
C GLU A 342 -2.44 -15.13 23.47
N LYS A 343 -1.24 -14.58 23.66
CA LYS A 343 -0.24 -14.54 22.57
C LYS A 343 0.04 -15.95 22.09
N SER A 344 0.12 -16.93 23.00
CA SER A 344 0.49 -18.33 22.66
C SER A 344 -0.52 -18.94 21.68
N LYS A 345 -1.76 -18.46 21.74
CA LYS A 345 -2.92 -18.95 20.92
C LYS A 345 -2.60 -18.73 19.44
N ILE A 346 -1.73 -17.76 19.09
CA ILE A 346 -1.32 -17.58 17.67
C ILE A 346 -0.36 -18.69 17.26
N ASP A 347 -0.70 -19.43 16.19
CA ASP A 347 0.08 -20.57 15.66
C ASP A 347 1.18 -20.06 14.73
N GLU A 348 0.91 -19.01 13.96
CA GLU A 348 1.88 -18.51 12.96
C GLU A 348 1.64 -17.02 12.74
N ILE A 349 2.71 -16.29 12.46
CA ILE A 349 2.69 -14.83 12.17
C ILE A 349 3.12 -14.69 10.73
N VAL A 350 2.30 -14.05 9.94
CA VAL A 350 2.63 -13.83 8.53
C VAL A 350 2.77 -12.32 8.32
N LEU A 351 3.85 -11.89 7.68
CA LEU A 351 4.18 -10.47 7.39
C LEU A 351 3.84 -10.24 5.93
N VAL A 352 3.20 -9.11 5.66
CA VAL A 352 2.84 -8.57 4.34
C VAL A 352 3.28 -7.10 4.32
N GLY A 353 3.65 -6.59 3.15
CA GLY A 353 4.11 -5.21 2.94
C GLY A 353 5.61 -5.20 2.96
N GLY A 354 6.16 -4.39 2.07
CA GLY A 354 7.61 -4.17 1.93
C GLY A 354 8.27 -3.72 3.21
N SER A 355 7.55 -3.00 4.04
CA SER A 355 8.11 -2.40 5.26
C SER A 355 8.42 -3.50 6.28
N THR A 356 7.89 -4.70 6.12
CA THR A 356 8.19 -5.80 7.06
C THR A 356 9.58 -6.38 6.78
N ARG A 357 10.24 -5.92 5.74
CA ARG A 357 11.66 -6.27 5.47
C ARG A 357 12.60 -5.53 6.42
N ILE A 358 12.12 -4.51 7.14
CA ILE A 358 12.95 -3.76 8.13
C ILE A 358 13.32 -4.73 9.25
N PRO A 359 14.62 -4.98 9.50
CA PRO A 359 15.02 -5.93 10.54
C PRO A 359 14.44 -5.65 11.93
N LYS A 360 14.39 -4.38 12.34
CA LYS A 360 13.87 -3.98 13.66
C LYS A 360 12.37 -4.34 13.77
N ILE A 361 11.63 -4.27 12.67
CA ILE A 361 10.17 -4.62 12.68
C ILE A 361 10.02 -6.12 13.05
N GLN A 362 10.75 -6.94 12.34
CA GLN A 362 10.77 -8.40 12.56
C GLN A 362 11.17 -8.71 14.00
N GLN A 363 12.18 -8.04 14.53
CA GLN A 363 12.70 -8.25 15.91
C GLN A 363 11.64 -7.90 16.92
N ILE A 364 11.03 -6.73 16.75
CA ILE A 364 10.00 -6.25 17.68
C ILE A 364 8.82 -7.25 17.74
N ILE A 365 8.41 -7.80 16.61
CA ILE A 365 7.23 -8.72 16.54
C ILE A 365 7.62 -10.04 17.27
N LYS A 366 8.75 -10.65 16.86
CA LYS A 366 9.39 -11.84 17.51
C LYS A 366 9.38 -11.68 19.03
N GLU A 367 9.88 -10.56 19.52
CA GLU A 367 10.07 -10.35 20.98
C GLU A 367 8.71 -10.15 21.63
N PHE A 368 7.72 -9.56 20.95
CA PHE A 368 6.37 -9.38 21.53
C PHE A 368 5.71 -10.77 21.76
N PHE A 369 6.02 -11.68 20.86
CA PHE A 369 5.46 -13.05 20.82
C PHE A 369 6.42 -13.93 21.62
N ASN A 370 6.88 -13.36 22.75
CA ASN A 370 7.73 -14.01 23.80
C ASN A 370 8.60 -15.00 23.06
N GLY A 371 9.20 -14.58 21.95
CA GLY A 371 10.32 -15.27 21.28
C GLY A 371 9.98 -15.97 19.98
N LYS A 372 8.70 -16.10 19.60
CA LYS A 372 8.28 -16.89 18.40
C LYS A 372 8.69 -16.20 17.08
N GLU A 373 9.27 -16.90 16.10
CA GLU A 373 9.74 -16.28 14.83
C GLU A 373 8.52 -15.99 13.98
N PRO A 374 8.39 -14.79 13.34
CA PRO A 374 7.44 -14.53 12.26
C PRO A 374 7.80 -15.15 10.91
N ASN A 375 6.81 -15.75 10.26
CA ASN A 375 6.96 -16.19 8.85
C ASN A 375 6.93 -14.92 8.05
N ARG A 376 7.83 -14.78 7.08
CA ARG A 376 7.82 -13.72 6.06
C ARG A 376 8.14 -14.38 4.74
N GLY A 377 7.71 -13.73 3.67
CA GLY A 377 8.00 -14.11 2.27
C GLY A 377 9.26 -13.45 1.87
N ILE A 378 9.54 -13.49 0.56
CA ILE A 378 10.66 -12.80 -0.13
C ILE A 378 10.14 -11.57 -0.88
N ASN A 379 8.86 -11.54 -1.29
CA ASN A 379 8.25 -10.43 -2.08
C ASN A 379 6.97 -10.02 -1.38
N PRO A 380 7.09 -9.50 -0.13
CA PRO A 380 5.93 -9.28 0.73
C PRO A 380 4.98 -8.21 0.17
N ASP A 381 5.45 -7.39 -0.77
CA ASP A 381 4.59 -6.41 -1.47
C ASP A 381 3.68 -7.05 -2.51
N GLU A 382 4.01 -8.26 -2.96
CA GLU A 382 3.26 -8.95 -4.02
C GLU A 382 2.38 -10.09 -3.47
N ALA A 383 2.56 -10.48 -2.20
CA ALA A 383 1.89 -11.64 -1.61
C ALA A 383 0.36 -11.53 -1.76
N VAL A 384 -0.23 -10.38 -1.49
CA VAL A 384 -1.70 -10.20 -1.64
C VAL A 384 -2.16 -10.40 -3.07
N ALA A 385 -1.50 -9.81 -4.06
CA ALA A 385 -1.90 -10.02 -5.47
C ALA A 385 -1.72 -11.49 -5.81
N TYR A 386 -0.61 -12.08 -5.34
CA TYR A 386 -0.34 -13.50 -5.58
C TYR A 386 -1.55 -14.32 -5.10
N GLY A 387 -2.01 -14.07 -3.88
CA GLY A 387 -3.14 -14.82 -3.32
C GLY A 387 -4.42 -14.56 -4.07
N ALA A 388 -4.62 -13.35 -4.57
CA ALA A 388 -5.80 -13.02 -5.38
C ALA A 388 -5.79 -13.85 -6.68
N ALA A 389 -4.62 -14.01 -7.30
CA ALA A 389 -4.47 -14.82 -8.53
C ALA A 389 -4.74 -16.32 -8.20
N ILE A 390 -4.28 -16.78 -7.04
CA ILE A 390 -4.55 -18.18 -6.62
C ILE A 390 -6.09 -18.32 -6.53
N GLN A 391 -6.75 -17.40 -5.82
CA GLN A 391 -8.21 -17.41 -5.66
C GLN A 391 -8.90 -17.46 -7.04
N ALA A 392 -8.45 -16.68 -8.00
CA ALA A 392 -8.94 -16.73 -9.41
C ALA A 392 -8.81 -18.17 -9.96
N GLY A 393 -7.64 -18.79 -9.76
CA GLY A 393 -7.36 -20.18 -10.18
C GLY A 393 -8.32 -21.14 -9.51
N ILE A 394 -8.59 -20.92 -8.25
CA ILE A 394 -9.42 -21.81 -7.40
C ILE A 394 -10.82 -21.77 -7.97
N ILE A 395 -11.31 -20.56 -8.27
CA ILE A 395 -12.65 -20.28 -8.84
C ILE A 395 -12.79 -20.94 -10.21
N LEU A 396 -11.75 -20.96 -11.04
CA LEU A 396 -11.89 -21.62 -12.37
C LEU A 396 -11.80 -23.16 -12.27
N GLY A 397 -11.24 -23.76 -11.20
CA GLY A 397 -11.04 -25.24 -11.12
C GLY A 397 -10.17 -25.77 -12.28
#